data_4KAO
#
_entry.id   4KAO
#
_cell.length_a   46.430
_cell.length_b   52.290
_cell.length_c   65.200
_cell.angle_alpha   96.51
_cell.angle_beta   103.12
_cell.angle_gamma   89.44
#
_symmetry.space_group_name_H-M   'P 1'
#
loop_
_entity.id
_entity.type
_entity.pdbx_description
1 polymer 'Focal adhesion kinase 1'
2 non-polymer 1-[3-tert-butyl-1-(4-methylphenyl)-1H-pyrazol-5-yl]-3-[4-(pyridin-3-yl)phenyl]urea
3 non-polymer 'SULFATE ION'
4 water water
#
_entity_poly.entity_id   1
_entity_poly.type   'polypeptide(L)'
_entity_poly.pdbx_seq_one_letter_code
;GSGSTRDYEIQRERIELGRCIGEGQFGDVHQGIYMSPENPALAVAIKTCKNCTSDSVREKFLQEALTMRQFDHPHIVKLI
GVITENPVWIIMELCTLGELRSFLQVRKYSLDLASLILYAYQLSTALAYLESKRFVHRDIAARNVLVSSNDCVKLGDFGL
SRYMEDSTYYKASKGKLPIKWMAPESINFRRFTSASDVWMFGVCMWEILMHGVKPFQGVKNNDVIGRIENGERLPMPPNC
PPTLYSLMTKCWAYDPSRRPRFTELKAQLSTILEEEKAQQEE
;
_entity_poly.pdbx_strand_id   A,B
#
loop_
_chem_comp.id
_chem_comp.type
_chem_comp.name
_chem_comp.formula
KAO non-polymer 1-[3-tert-butyl-1-(4-methylphenyl)-1H-pyrazol-5-yl]-3-[4-(pyridin-3-yl)phenyl]urea 'C26 H27 N5 O'
SO4 non-polymer 'SULFATE ION' 'O4 S -2'
#
# COMPACT_ATOMS: atom_id res chain seq x y z
N TYR A 8 -12.30 5.88 -10.80
CA TYR A 8 -11.20 6.38 -11.62
C TYR A 8 -11.21 7.90 -11.75
N GLU A 9 -12.41 8.51 -11.91
CA GLU A 9 -12.56 9.96 -12.02
C GLU A 9 -12.25 10.62 -10.67
N ILE A 10 -11.40 11.66 -10.71
CA ILE A 10 -10.99 12.43 -9.53
C ILE A 10 -11.61 13.82 -9.63
N GLN A 11 -12.04 14.36 -8.48
CA GLN A 11 -12.57 15.71 -8.38
C GLN A 11 -11.33 16.63 -8.38
N ARG A 12 -11.35 17.69 -9.20
CA ARG A 12 -10.28 18.68 -9.36
C ARG A 12 -9.82 19.26 -8.00
N GLU A 13 -10.79 19.48 -7.09
CA GLU A 13 -10.58 20.03 -5.73
C GLU A 13 -9.58 19.20 -4.91
N ARG A 14 -9.63 17.87 -5.04
CA ARG A 14 -8.74 16.93 -4.34
C ARG A 14 -7.28 16.95 -4.86
N ILE A 15 -6.99 17.73 -5.94
CA ILE A 15 -5.67 17.87 -6.57
C ILE A 15 -5.11 19.28 -6.46
N GLU A 16 -3.93 19.41 -5.83
CA GLU A 16 -3.19 20.67 -5.71
C GLU A 16 -2.00 20.58 -6.68
N LEU A 17 -1.96 21.49 -7.67
CA LEU A 17 -0.95 21.51 -8.73
C LEU A 17 0.31 22.27 -8.33
N GLY A 18 1.45 21.61 -8.50
CA GLY A 18 2.76 22.17 -8.20
C GLY A 18 3.58 22.49 -9.44
N ARG A 19 4.91 22.58 -9.25
CA ARG A 19 5.91 22.93 -10.27
C ARG A 19 6.00 21.96 -11.47
N CYS A 20 6.37 22.49 -12.65
CA CYS A 20 6.58 21.72 -13.87
C CYS A 20 7.86 20.87 -13.69
N ILE A 21 7.74 19.55 -13.87
CA ILE A 21 8.84 18.56 -13.69
C ILE A 21 9.34 18.00 -15.04
N GLY A 22 8.96 18.64 -16.13
CA GLY A 22 9.34 18.21 -17.47
C GLY A 22 8.20 18.27 -18.48
N GLU A 23 8.53 18.07 -19.77
CA GLU A 23 7.55 18.12 -20.84
C GLU A 23 7.23 16.73 -21.39
N GLY A 24 6.01 16.58 -21.87
CA GLY A 24 5.49 15.37 -22.49
C GLY A 24 4.99 15.61 -23.90
N GLN A 25 4.50 14.55 -24.57
CA GLN A 25 3.99 14.61 -25.95
C GLN A 25 2.83 15.60 -26.17
N PHE A 26 1.91 15.71 -25.19
CA PHE A 26 0.70 16.54 -25.29
C PHE A 26 0.73 17.82 -24.48
N GLY A 27 1.72 17.92 -23.58
CA GLY A 27 1.88 19.07 -22.72
C GLY A 27 2.79 18.80 -21.56
N ASP A 28 2.89 19.77 -20.65
CA ASP A 28 3.74 19.72 -19.47
C ASP A 28 3.32 18.65 -18.46
N VAL A 29 4.31 18.18 -17.72
CA VAL A 29 4.12 17.23 -16.63
C VAL A 29 4.49 18.03 -15.38
N HIS A 30 3.58 18.06 -14.41
CA HIS A 30 3.78 18.82 -13.17
C HIS A 30 3.83 17.84 -12.01
N GLN A 31 4.35 18.29 -10.87
CA GLN A 31 4.28 17.49 -9.65
C GLN A 31 3.16 18.13 -8.82
N GLY A 32 2.64 17.42 -7.81
CA GLY A 32 1.55 17.92 -6.97
C GLY A 32 1.19 16.99 -5.84
N ILE A 33 0.07 17.25 -5.16
CA ILE A 33 -0.41 16.41 -4.06
C ILE A 33 -1.90 16.08 -4.28
N TYR A 34 -2.28 14.84 -3.91
CA TYR A 34 -3.65 14.33 -3.98
C TYR A 34 -4.12 13.89 -2.57
N MET A 35 -5.35 14.29 -2.19
CA MET A 35 -5.91 13.86 -0.90
C MET A 35 -7.21 13.06 -1.11
N SER A 36 -7.26 11.81 -0.60
CA SER A 36 -8.45 10.95 -0.69
C SER A 36 -9.26 10.98 0.61
N PRO A 40 -4.91 9.06 2.34
CA PRO A 40 -4.28 10.02 3.26
C PRO A 40 -3.79 11.31 2.57
N ALA A 41 -2.56 11.30 1.97
CA ALA A 41 -1.95 12.44 1.24
C ALA A 41 -0.78 11.90 0.43
N LEU A 42 -0.93 11.92 -0.90
CA LEU A 42 0.03 11.37 -1.85
C LEU A 42 0.67 12.41 -2.75
N ALA A 43 2.00 12.31 -2.98
CA ALA A 43 2.72 13.17 -3.92
C ALA A 43 2.44 12.56 -5.31
N VAL A 44 2.00 13.37 -6.29
CA VAL A 44 1.61 12.86 -7.60
C VAL A 44 2.23 13.58 -8.82
N ALA A 45 2.20 12.92 -9.99
CA ALA A 45 2.64 13.48 -11.27
C ALA A 45 1.37 13.80 -12.06
N ILE A 46 1.27 15.01 -12.60
CA ILE A 46 0.10 15.45 -13.36
C ILE A 46 0.46 15.73 -14.82
N LYS A 47 -0.08 14.93 -15.77
CA LYS A 47 0.15 15.08 -17.20
C LYS A 47 -0.97 15.93 -17.74
N THR A 48 -0.60 17.05 -18.37
CA THR A 48 -1.56 17.99 -18.95
C THR A 48 -1.64 17.77 -20.45
N CYS A 49 -2.64 18.39 -21.08
CA CYS A 49 -2.87 18.26 -22.50
C CYS A 49 -3.38 19.58 -23.04
N LYS A 50 -2.49 20.26 -23.77
CA LYS A 50 -2.71 21.58 -24.37
C LYS A 50 -3.89 21.63 -25.35
N ASN A 51 -3.94 20.68 -26.31
CA ASN A 51 -4.97 20.63 -27.36
C ASN A 51 -6.01 19.56 -27.16
N CYS A 52 -6.44 19.34 -25.91
CA CYS A 52 -7.43 18.31 -25.61
C CYS A 52 -8.89 18.73 -25.82
N THR A 53 -9.09 19.89 -26.46
CA THR A 53 -10.41 20.35 -26.87
C THR A 53 -10.79 19.56 -28.13
N SER A 54 -9.76 19.11 -28.87
CA SER A 54 -9.84 18.26 -30.06
C SER A 54 -10.08 16.83 -29.56
N ASP A 55 -11.24 16.23 -29.94
CA ASP A 55 -11.66 14.88 -29.56
C ASP A 55 -10.61 13.84 -29.91
N SER A 56 -9.99 14.06 -31.09
CA SER A 56 -8.92 13.29 -31.71
C SER A 56 -7.65 13.23 -30.82
N VAL A 57 -7.22 14.40 -30.26
CA VAL A 57 -6.04 14.54 -29.40
C VAL A 57 -6.36 13.99 -27.99
N ARG A 58 -7.59 14.23 -27.51
CA ARG A 58 -8.10 13.77 -26.21
C ARG A 58 -8.11 12.25 -26.16
N GLU A 59 -8.51 11.60 -27.28
CA GLU A 59 -8.57 10.15 -27.45
C GLU A 59 -7.20 9.54 -27.29
N LYS A 60 -6.20 10.09 -28.01
CA LYS A 60 -4.82 9.61 -27.97
C LYS A 60 -4.20 9.82 -26.58
N PHE A 61 -4.49 10.97 -25.96
CA PHE A 61 -3.99 11.37 -24.65
C PHE A 61 -4.56 10.47 -23.55
N LEU A 62 -5.87 10.30 -23.54
CA LEU A 62 -6.56 9.49 -22.53
C LEU A 62 -6.39 7.97 -22.73
N GLN A 63 -5.84 7.52 -23.87
CA GLN A 63 -5.57 6.10 -24.15
C GLN A 63 -4.56 5.56 -23.13
N GLU A 64 -3.64 6.40 -22.67
CA GLU A 64 -2.65 6.04 -21.67
C GLU A 64 -3.32 5.54 -20.39
N ALA A 65 -4.36 6.26 -19.92
CA ALA A 65 -5.12 5.95 -18.71
C ALA A 65 -5.89 4.64 -18.87
N LEU A 66 -6.51 4.43 -20.05
CA LEU A 66 -7.29 3.24 -20.45
C LEU A 66 -6.43 1.98 -20.32
N THR A 67 -5.18 2.04 -20.83
CA THR A 67 -4.21 0.95 -20.83
C THR A 67 -3.68 0.67 -19.42
N MET A 68 -3.22 1.71 -18.71
CA MET A 68 -2.64 1.63 -17.36
C MET A 68 -3.60 1.15 -16.26
N ARG A 69 -4.90 1.36 -16.43
CA ARG A 69 -5.92 1.01 -15.42
C ARG A 69 -5.92 -0.48 -14.98
N GLN A 70 -5.67 -1.41 -15.93
CA GLN A 70 -5.70 -2.86 -15.69
C GLN A 70 -4.57 -3.41 -14.81
N PHE A 71 -3.48 -2.65 -14.63
CA PHE A 71 -2.31 -3.08 -13.90
C PHE A 71 -2.22 -2.57 -12.46
N ASP A 72 -1.73 -3.44 -11.56
CA ASP A 72 -1.53 -3.17 -10.14
C ASP A 72 -0.33 -3.99 -9.66
N HIS A 73 0.85 -3.35 -9.60
CA HIS A 73 2.08 -3.99 -9.16
C HIS A 73 3.00 -2.98 -8.43
N PRO A 74 3.71 -3.34 -7.31
CA PRO A 74 4.60 -2.38 -6.63
C PRO A 74 5.76 -1.80 -7.47
N HIS A 75 6.13 -2.46 -8.59
CA HIS A 75 7.22 -1.99 -9.42
C HIS A 75 6.77 -1.61 -10.82
N ILE A 76 5.51 -1.25 -10.94
CA ILE A 76 4.94 -0.73 -12.16
C ILE A 76 4.33 0.59 -11.75
N VAL A 77 4.63 1.67 -12.50
CA VAL A 77 4.06 3.00 -12.25
C VAL A 77 2.52 2.88 -12.17
N LYS A 78 1.94 3.50 -11.16
CA LYS A 78 0.52 3.43 -10.89
C LYS A 78 -0.26 4.64 -11.43
N LEU A 79 -1.43 4.36 -12.01
CA LEU A 79 -2.36 5.39 -12.45
C LEU A 79 -3.22 5.74 -11.22
N ILE A 80 -3.23 7.00 -10.82
CA ILE A 80 -4.03 7.43 -9.67
C ILE A 80 -5.46 7.73 -10.15
N GLY A 81 -5.56 8.29 -11.35
CA GLY A 81 -6.84 8.60 -11.94
C GLY A 81 -6.73 9.63 -13.02
N VAL A 82 -7.89 10.11 -13.43
CA VAL A 82 -8.05 11.04 -14.53
C VAL A 82 -9.14 12.09 -14.25
N ILE A 83 -8.94 13.30 -14.77
CA ILE A 83 -9.92 14.36 -14.74
C ILE A 83 -10.31 14.54 -16.22
N THR A 84 -11.51 14.06 -16.59
CA THR A 84 -12.00 14.08 -17.98
C THR A 84 -12.61 15.43 -18.41
N GLU A 85 -13.02 16.29 -17.46
CA GLU A 85 -13.52 17.63 -17.76
C GLU A 85 -12.31 18.49 -18.18
N ASN A 86 -12.51 19.44 -19.12
CA ASN A 86 -11.47 20.31 -19.64
C ASN A 86 -11.04 21.39 -18.62
N PRO A 87 -9.73 21.58 -18.29
CA PRO A 87 -8.52 20.92 -18.84
C PRO A 87 -8.32 19.48 -18.37
N VAL A 88 -8.19 18.53 -19.32
CA VAL A 88 -8.04 17.12 -18.98
C VAL A 88 -6.60 16.83 -18.49
N TRP A 89 -6.51 16.09 -17.39
CA TRP A 89 -5.27 15.70 -16.73
C TRP A 89 -5.24 14.18 -16.48
N ILE A 90 -4.03 13.61 -16.45
CA ILE A 90 -3.79 12.22 -16.06
C ILE A 90 -2.93 12.28 -14.80
N ILE A 91 -3.41 11.65 -13.73
CA ILE A 91 -2.75 11.67 -12.43
C ILE A 91 -2.01 10.35 -12.23
N MET A 92 -0.69 10.43 -12.10
CA MET A 92 0.20 9.29 -11.91
C MET A 92 0.84 9.37 -10.55
N GLU A 93 1.35 8.23 -10.10
CA GLU A 93 2.13 8.11 -8.89
C GLU A 93 3.47 8.80 -9.23
N LEU A 94 3.98 9.59 -8.29
CA LEU A 94 5.22 10.32 -8.52
C LEU A 94 6.44 9.48 -8.15
N CYS A 95 7.42 9.44 -9.08
CA CYS A 95 8.72 8.80 -8.90
C CYS A 95 9.69 9.99 -8.85
N THR A 96 9.98 10.48 -7.62
CA THR A 96 10.76 11.69 -7.31
C THR A 96 12.19 11.71 -7.84
N LEU A 97 12.87 10.54 -7.89
CA LEU A 97 14.27 10.50 -8.29
C LEU A 97 14.47 10.42 -9.80
N GLY A 98 13.36 10.47 -10.53
CA GLY A 98 13.33 10.52 -12.00
C GLY A 98 13.83 9.29 -12.73
N GLU A 99 14.29 9.51 -13.97
CA GLU A 99 14.79 8.54 -14.95
C GLU A 99 15.97 7.75 -14.45
N LEU A 100 15.92 6.42 -14.59
CA LEU A 100 16.95 5.49 -14.17
C LEU A 100 18.32 5.77 -14.79
N ARG A 101 18.36 6.06 -16.10
CA ARG A 101 19.62 6.34 -16.82
C ARG A 101 20.43 7.46 -16.19
N SER A 102 19.79 8.64 -15.94
CA SER A 102 20.45 9.78 -15.30
C SER A 102 20.85 9.42 -13.88
N PHE A 103 19.94 8.75 -13.13
CA PHE A 103 20.17 8.32 -11.75
C PHE A 103 21.44 7.49 -11.65
N LEU A 104 21.60 6.50 -12.55
CA LEU A 104 22.75 5.62 -12.62
C LEU A 104 24.04 6.34 -13.01
N GLN A 105 23.97 7.27 -13.97
CA GLN A 105 25.11 8.07 -14.43
C GLN A 105 25.62 8.98 -13.29
N VAL A 106 24.70 9.76 -12.66
CA VAL A 106 24.98 10.71 -11.56
C VAL A 106 25.48 9.99 -10.30
N ARG A 107 24.73 8.97 -9.87
CA ARG A 107 25.01 8.24 -8.64
C ARG A 107 25.92 7.03 -8.82
N LYS A 108 26.68 6.97 -9.95
CA LYS A 108 27.58 5.87 -10.32
C LYS A 108 28.50 5.39 -9.18
N TYR A 109 29.16 6.32 -8.46
CA TYR A 109 30.13 5.99 -7.39
C TYR A 109 29.50 5.94 -5.99
N SER A 110 28.17 6.13 -5.92
CA SER A 110 27.38 6.05 -4.70
C SER A 110 26.57 4.74 -4.74
N LEU A 111 26.59 4.05 -5.92
CA LEU A 111 25.84 2.82 -6.12
C LEU A 111 26.69 1.56 -6.18
N ASP A 112 26.44 0.68 -5.22
CA ASP A 112 27.10 -0.61 -5.11
C ASP A 112 26.42 -1.63 -6.04
N LEU A 113 27.12 -2.76 -6.28
CA LEU A 113 26.62 -3.85 -7.13
C LEU A 113 25.27 -4.38 -6.65
N ALA A 114 25.09 -4.51 -5.32
CA ALA A 114 23.88 -4.96 -4.65
C ALA A 114 22.65 -4.11 -4.96
N SER A 115 22.83 -2.82 -5.23
CA SER A 115 21.73 -1.91 -5.60
C SER A 115 21.34 -2.15 -7.07
N LEU A 116 22.35 -2.31 -7.98
CA LEU A 116 22.15 -2.54 -9.41
C LEU A 116 21.39 -3.84 -9.67
N ILE A 117 21.73 -4.92 -8.92
CA ILE A 117 21.07 -6.24 -8.99
C ILE A 117 19.65 -6.09 -8.45
N LEU A 118 19.48 -5.30 -7.37
CA LEU A 118 18.16 -5.03 -6.80
C LEU A 118 17.24 -4.39 -7.84
N TYR A 119 17.74 -3.44 -8.63
CA TYR A 119 16.95 -2.81 -9.69
C TYR A 119 16.56 -3.79 -10.78
N ALA A 120 17.52 -4.67 -11.20
CA ALA A 120 17.25 -5.69 -12.22
C ALA A 120 16.22 -6.69 -11.72
N TYR A 121 16.34 -7.10 -10.45
CA TYR A 121 15.39 -8.01 -9.80
C TYR A 121 13.97 -7.43 -9.72
N GLN A 122 13.83 -6.18 -9.26
CA GLN A 122 12.56 -5.46 -9.13
C GLN A 122 11.87 -5.35 -10.48
N LEU A 123 12.63 -5.05 -11.55
CA LEU A 123 12.10 -5.01 -12.92
C LEU A 123 11.60 -6.39 -13.40
N SER A 124 12.36 -7.49 -13.11
CA SER A 124 11.96 -8.85 -13.42
C SER A 124 10.65 -9.25 -12.71
N THR A 125 10.42 -8.74 -11.47
CA THR A 125 9.14 -9.02 -10.77
C THR A 125 7.99 -8.29 -11.49
N ALA A 126 8.24 -7.05 -11.99
CA ALA A 126 7.26 -6.24 -12.74
C ALA A 126 6.90 -6.93 -14.06
N LEU A 127 7.91 -7.50 -14.72
CA LEU A 127 7.76 -8.20 -15.99
C LEU A 127 7.15 -9.57 -15.83
N ALA A 128 7.41 -10.27 -14.70
CA ALA A 128 6.75 -11.56 -14.41
C ALA A 128 5.23 -11.33 -14.21
N TYR A 129 4.87 -10.20 -13.63
CA TYR A 129 3.49 -9.80 -13.43
C TYR A 129 2.82 -9.49 -14.79
N LEU A 130 3.49 -8.77 -15.68
CA LEU A 130 2.94 -8.45 -17.02
C LEU A 130 2.73 -9.72 -17.85
N GLU A 131 3.74 -10.63 -17.85
CA GLU A 131 3.68 -11.92 -18.50
C GLU A 131 2.56 -12.78 -17.87
N SER A 132 2.33 -12.70 -16.55
CA SER A 132 1.23 -13.42 -15.89
C SER A 132 -0.16 -13.00 -16.42
N LYS A 133 -0.27 -11.76 -16.91
CA LYS A 133 -1.47 -11.13 -17.47
C LYS A 133 -1.52 -11.30 -18.99
N ARG A 134 -0.49 -11.97 -19.59
CA ARG A 134 -0.33 -12.21 -21.04
C ARG A 134 -0.22 -10.88 -21.83
N PHE A 135 0.47 -9.90 -21.20
CA PHE A 135 0.75 -8.57 -21.73
C PHE A 135 2.21 -8.45 -22.17
N VAL A 136 2.43 -8.02 -23.42
CA VAL A 136 3.76 -7.83 -24.04
C VAL A 136 4.06 -6.29 -24.00
N HIS A 137 5.15 -5.86 -23.32
CA HIS A 137 5.55 -4.45 -23.15
C HIS A 137 6.05 -3.82 -24.46
N ARG A 138 6.87 -4.57 -25.24
CA ARG A 138 7.45 -4.19 -26.55
C ARG A 138 8.59 -3.13 -26.48
N ASP A 139 8.82 -2.49 -25.32
CA ASP A 139 9.86 -1.47 -25.24
C ASP A 139 10.59 -1.44 -23.90
N ILE A 140 11.20 -2.57 -23.54
CA ILE A 140 11.98 -2.69 -22.29
C ILE A 140 13.38 -2.13 -22.50
N ALA A 141 13.66 -1.04 -21.80
CA ALA A 141 14.91 -0.28 -21.87
C ALA A 141 15.00 0.54 -20.60
N ALA A 142 16.23 0.89 -20.17
CA ALA A 142 16.44 1.68 -18.95
C ALA A 142 15.75 3.06 -19.01
N ARG A 143 15.59 3.61 -20.23
CA ARG A 143 14.88 4.89 -20.44
C ARG A 143 13.37 4.84 -20.05
N ASN A 144 12.80 3.64 -19.89
CA ASN A 144 11.38 3.46 -19.51
C ASN A 144 11.22 3.09 -18.03
N VAL A 145 12.30 3.26 -17.26
CA VAL A 145 12.32 2.97 -15.83
C VAL A 145 12.50 4.28 -15.05
N LEU A 146 11.71 4.45 -13.96
CA LEU A 146 11.78 5.57 -13.05
C LEU A 146 12.24 5.08 -11.69
N VAL A 147 12.80 5.99 -10.89
CA VAL A 147 13.34 5.71 -9.57
C VAL A 147 12.44 6.40 -8.52
N SER A 148 11.70 5.59 -7.73
CA SER A 148 10.83 6.06 -6.66
C SER A 148 11.66 6.48 -5.44
N SER A 149 12.65 5.65 -5.09
CA SER A 149 13.60 5.85 -4.00
C SER A 149 14.89 5.11 -4.35
N ASN A 150 15.96 5.27 -3.53
CA ASN A 150 17.25 4.61 -3.75
C ASN A 150 17.14 3.08 -3.76
N ASP A 151 16.13 2.53 -3.08
CA ASP A 151 15.91 1.08 -3.02
C ASP A 151 14.64 0.68 -3.82
N CYS A 152 14.20 1.53 -4.78
CA CYS A 152 12.96 1.27 -5.48
C CYS A 152 12.86 1.87 -6.90
N VAL A 153 12.71 0.99 -7.91
CA VAL A 153 12.50 1.35 -9.33
C VAL A 153 11.11 0.91 -9.81
N LYS A 154 10.57 1.61 -10.82
CA LYS A 154 9.25 1.32 -11.41
C LYS A 154 9.33 1.31 -12.90
N LEU A 155 8.65 0.31 -13.51
CA LEU A 155 8.55 0.18 -14.94
C LEU A 155 7.38 1.02 -15.45
N GLY A 156 7.66 1.78 -16.49
CA GLY A 156 6.70 2.60 -17.20
C GLY A 156 6.87 2.43 -18.70
N ASP A 157 6.34 3.37 -19.46
CA ASP A 157 6.42 3.44 -20.93
C ASP A 157 6.22 4.92 -21.31
N PHE A 158 7.32 5.60 -21.66
CA PHE A 158 7.27 7.03 -22.03
C PHE A 158 7.45 7.26 -23.54
N GLY A 159 7.36 6.17 -24.33
CA GLY A 159 7.48 6.20 -25.77
C GLY A 159 6.22 5.78 -26.49
N LEU A 177 12.39 3.57 -33.83
CA LEU A 177 12.58 2.16 -33.46
C LEU A 177 13.88 1.88 -32.66
N PRO A 178 13.75 1.18 -31.49
CA PRO A 178 14.96 0.91 -30.67
C PRO A 178 15.70 -0.37 -31.05
N ILE A 179 16.24 -0.44 -32.28
CA ILE A 179 16.95 -1.56 -32.90
C ILE A 179 18.01 -2.24 -31.97
N LYS A 180 18.79 -1.44 -31.24
CA LYS A 180 19.87 -1.89 -30.35
C LYS A 180 19.40 -2.63 -29.09
N TRP A 181 18.09 -2.64 -28.83
CA TRP A 181 17.45 -3.32 -27.70
C TRP A 181 16.63 -4.49 -28.17
N MET A 182 16.28 -4.48 -29.47
CA MET A 182 15.34 -5.39 -30.10
C MET A 182 15.87 -6.80 -30.42
N ALA A 183 14.99 -7.80 -30.22
CA ALA A 183 15.23 -9.20 -30.54
C ALA A 183 15.33 -9.33 -32.07
N PRO A 184 16.16 -10.26 -32.61
CA PRO A 184 16.28 -10.39 -34.07
C PRO A 184 14.94 -10.55 -34.83
N GLU A 185 13.96 -11.29 -34.25
CA GLU A 185 12.64 -11.49 -34.87
C GLU A 185 11.79 -10.20 -34.89
N SER A 186 12.09 -9.26 -33.98
CA SER A 186 11.40 -7.96 -33.93
C SER A 186 11.98 -7.09 -35.03
N ILE A 187 13.32 -7.15 -35.22
CA ILE A 187 14.01 -6.40 -36.25
C ILE A 187 13.56 -6.92 -37.63
N ASN A 188 13.82 -8.23 -37.89
CA ASN A 188 13.54 -8.92 -39.14
C ASN A 188 12.07 -9.03 -39.53
N PHE A 189 11.18 -9.39 -38.58
CA PHE A 189 9.78 -9.65 -38.93
C PHE A 189 8.74 -8.85 -38.15
N ARG A 190 9.16 -7.85 -37.36
CA ARG A 190 8.30 -7.01 -36.52
C ARG A 190 7.46 -7.87 -35.55
N ARG A 191 8.05 -8.99 -35.10
CA ARG A 191 7.41 -9.94 -34.21
C ARG A 191 7.76 -9.57 -32.75
N PHE A 192 6.73 -9.21 -31.96
CA PHE A 192 6.86 -8.83 -30.56
C PHE A 192 6.06 -9.80 -29.71
N THR A 193 6.76 -10.55 -28.86
CA THR A 193 6.19 -11.59 -27.99
C THR A 193 6.83 -11.53 -26.59
N SER A 194 6.39 -12.42 -25.69
CA SER A 194 6.94 -12.56 -24.35
C SER A 194 8.46 -12.87 -24.44
N ALA A 195 8.88 -13.62 -25.46
CA ALA A 195 10.28 -13.99 -25.71
C ALA A 195 11.11 -12.80 -26.21
N SER A 196 10.48 -11.86 -26.95
CA SER A 196 11.19 -10.65 -27.41
C SER A 196 11.35 -9.67 -26.26
N ASP A 197 10.40 -9.71 -25.30
CA ASP A 197 10.45 -8.92 -24.08
C ASP A 197 11.66 -9.34 -23.22
N VAL A 198 11.90 -10.66 -23.11
CA VAL A 198 13.03 -11.26 -22.38
C VAL A 198 14.36 -10.81 -22.98
N TRP A 199 14.46 -10.76 -24.33
CA TRP A 199 15.65 -10.26 -25.03
C TRP A 199 15.95 -8.81 -24.58
N MET A 200 14.92 -7.92 -24.64
CA MET A 200 15.01 -6.49 -24.28
C MET A 200 15.41 -6.33 -22.82
N PHE A 201 14.87 -7.21 -21.96
CA PHE A 201 15.17 -7.22 -20.53
C PHE A 201 16.66 -7.48 -20.29
N GLY A 202 17.26 -8.38 -21.06
CA GLY A 202 18.70 -8.69 -20.99
C GLY A 202 19.52 -7.47 -21.31
N VAL A 203 19.11 -6.69 -22.34
CA VAL A 203 19.77 -5.43 -22.75
C VAL A 203 19.61 -4.37 -21.64
N CYS A 204 18.41 -4.28 -21.04
CA CYS A 204 18.10 -3.39 -19.94
C CYS A 204 18.99 -3.72 -18.73
N MET A 205 19.17 -5.02 -18.44
CA MET A 205 20.04 -5.53 -17.36
C MET A 205 21.47 -5.10 -17.62
N TRP A 206 21.95 -5.21 -18.88
CA TRP A 206 23.28 -4.77 -19.30
C TRP A 206 23.44 -3.24 -19.05
N GLU A 207 22.40 -2.43 -19.41
CA GLU A 207 22.40 -0.97 -19.20
C GLU A 207 22.57 -0.61 -17.72
N ILE A 208 21.83 -1.30 -16.82
CA ILE A 208 21.88 -1.04 -15.38
C ILE A 208 23.31 -1.28 -14.83
N LEU A 209 23.91 -2.41 -15.20
CA LEU A 209 25.25 -2.77 -14.79
C LEU A 209 26.34 -1.93 -15.47
N MET A 210 25.99 -1.27 -16.58
CA MET A 210 26.88 -0.35 -17.29
C MET A 210 26.62 1.09 -16.84
N HIS A 211 25.82 1.27 -15.77
CA HIS A 211 25.44 2.54 -15.16
C HIS A 211 24.78 3.53 -16.11
N GLY A 212 23.90 3.03 -16.96
CA GLY A 212 23.17 3.86 -17.90
C GLY A 212 23.89 4.18 -19.19
N VAL A 213 24.88 3.36 -19.56
CA VAL A 213 25.59 3.49 -20.82
C VAL A 213 24.75 2.75 -21.88
N LYS A 214 24.53 3.39 -23.04
CA LYS A 214 23.73 2.84 -24.12
C LYS A 214 24.42 1.67 -24.83
N PRO A 215 23.67 0.61 -25.20
CA PRO A 215 24.30 -0.52 -25.90
C PRO A 215 24.75 -0.20 -27.33
N PHE A 216 25.78 -0.93 -27.84
CA PHE A 216 26.37 -0.79 -29.16
C PHE A 216 26.64 0.69 -29.54
N GLN A 217 27.39 1.40 -28.67
CA GLN A 217 27.76 2.80 -28.92
C GLN A 217 28.76 2.88 -30.07
N GLY A 218 28.51 3.82 -30.98
CA GLY A 218 29.33 4.04 -32.17
C GLY A 218 29.20 2.94 -33.20
N VAL A 219 28.02 2.27 -33.25
CA VAL A 219 27.67 1.17 -34.15
C VAL A 219 26.36 1.56 -34.87
N LYS A 220 26.32 1.40 -36.21
CA LYS A 220 25.16 1.72 -37.04
C LYS A 220 24.03 0.71 -36.77
N ASN A 221 22.74 1.17 -36.81
CA ASN A 221 21.56 0.30 -36.58
C ASN A 221 21.51 -0.89 -37.57
N ASN A 222 22.13 -0.76 -38.77
CA ASN A 222 22.22 -1.82 -39.80
C ASN A 222 23.35 -2.81 -39.49
N ASP A 223 24.42 -2.32 -38.83
CA ASP A 223 25.58 -3.10 -38.38
C ASP A 223 25.21 -4.00 -37.16
N VAL A 224 24.09 -3.69 -36.43
CA VAL A 224 23.65 -4.45 -35.24
C VAL A 224 23.12 -5.82 -35.66
N ILE A 225 22.22 -5.81 -36.64
CA ILE A 225 21.55 -6.95 -37.26
C ILE A 225 22.60 -8.03 -37.63
N GLY A 226 23.63 -7.62 -38.36
CA GLY A 226 24.73 -8.46 -38.84
C GLY A 226 25.57 -9.08 -37.72
N ARG A 227 25.86 -8.28 -36.67
CA ARG A 227 26.61 -8.74 -35.51
C ARG A 227 25.81 -9.79 -34.72
N ILE A 228 24.49 -9.55 -34.46
CA ILE A 228 23.63 -10.50 -33.76
C ILE A 228 23.64 -11.86 -34.50
N GLU A 229 23.37 -11.85 -35.83
CA GLU A 229 23.33 -13.06 -36.66
C GLU A 229 24.63 -13.89 -36.58
N ASN A 230 25.80 -13.22 -36.55
CA ASN A 230 27.15 -13.81 -36.47
C ASN A 230 27.45 -14.44 -35.11
N GLY A 231 26.61 -14.16 -34.11
CA GLY A 231 26.78 -14.71 -32.78
C GLY A 231 27.30 -13.71 -31.74
N GLU A 232 27.65 -12.49 -32.19
CA GLU A 232 28.15 -11.41 -31.33
C GLU A 232 27.06 -10.89 -30.37
N ARG A 233 27.48 -10.66 -29.11
CA ARG A 233 26.63 -10.15 -28.03
C ARG A 233 27.36 -9.03 -27.30
N LEU A 234 26.60 -8.22 -26.53
CA LEU A 234 27.13 -7.13 -25.71
C LEU A 234 28.17 -7.70 -24.73
N PRO A 235 29.32 -7.03 -24.57
CA PRO A 235 30.39 -7.61 -23.71
C PRO A 235 30.03 -7.67 -22.23
N MET A 236 30.75 -8.50 -21.44
CA MET A 236 30.48 -8.56 -20.01
C MET A 236 30.86 -7.25 -19.33
N PRO A 237 29.89 -6.57 -18.67
CA PRO A 237 30.20 -5.29 -18.01
C PRO A 237 31.29 -5.39 -16.91
N PRO A 238 32.14 -4.36 -16.71
CA PRO A 238 33.14 -4.45 -15.63
C PRO A 238 32.44 -4.55 -14.27
N ASN A 239 32.90 -5.51 -13.45
CA ASN A 239 32.42 -5.87 -12.10
C ASN A 239 31.00 -6.47 -12.08
N CYS A 240 30.55 -7.03 -13.24
CA CYS A 240 29.29 -7.77 -13.33
C CYS A 240 29.64 -9.22 -12.92
N PRO A 241 28.89 -9.85 -11.98
CA PRO A 241 29.20 -11.26 -11.63
C PRO A 241 28.99 -12.17 -12.85
N PRO A 242 29.93 -13.10 -13.16
CA PRO A 242 29.77 -13.95 -14.36
C PRO A 242 28.45 -14.71 -14.47
N THR A 243 27.80 -15.02 -13.30
CA THR A 243 26.51 -15.71 -13.20
C THR A 243 25.41 -14.82 -13.78
N LEU A 244 25.48 -13.51 -13.46
CA LEU A 244 24.54 -12.50 -13.95
C LEU A 244 24.70 -12.34 -15.47
N TYR A 245 25.96 -12.33 -15.96
CA TYR A 245 26.22 -12.25 -17.39
C TYR A 245 25.75 -13.52 -18.14
N SER A 246 25.83 -14.70 -17.49
CA SER A 246 25.37 -15.98 -18.06
C SER A 246 23.85 -15.93 -18.25
N LEU A 247 23.15 -15.21 -17.35
CA LEU A 247 21.71 -15.02 -17.38
C LEU A 247 21.32 -14.10 -18.55
N MET A 248 22.07 -13.00 -18.74
CA MET A 248 21.89 -12.06 -19.85
C MET A 248 22.01 -12.81 -21.19
N THR A 249 23.04 -13.69 -21.37
CA THR A 249 23.31 -14.46 -22.60
C THR A 249 22.17 -15.45 -22.90
N LYS A 250 21.49 -15.98 -21.85
CA LYS A 250 20.33 -16.85 -22.00
C LYS A 250 19.15 -16.05 -22.61
N CYS A 251 18.98 -14.78 -22.20
CA CYS A 251 17.96 -13.86 -22.72
C CYS A 251 18.25 -13.56 -24.20
N TRP A 252 19.54 -13.62 -24.59
CA TRP A 252 19.99 -13.35 -25.94
C TRP A 252 20.17 -14.61 -26.81
N ALA A 253 19.41 -15.68 -26.53
CA ALA A 253 19.38 -16.89 -27.35
C ALA A 253 18.74 -16.46 -28.66
N TYR A 254 19.37 -16.75 -29.79
CA TYR A 254 18.83 -16.34 -31.09
C TYR A 254 17.43 -16.92 -31.29
N ASP A 255 17.25 -18.21 -30.94
CA ASP A 255 15.98 -18.92 -31.01
C ASP A 255 15.10 -18.42 -29.84
N PRO A 256 13.95 -17.76 -30.13
CA PRO A 256 13.10 -17.25 -29.04
C PRO A 256 12.58 -18.31 -28.06
N SER A 257 12.36 -19.54 -28.54
CA SER A 257 11.85 -20.67 -27.75
C SER A 257 12.85 -21.20 -26.71
N ARG A 258 14.15 -20.83 -26.85
CA ARG A 258 15.21 -21.23 -25.93
C ARG A 258 15.42 -20.17 -24.85
N ARG A 259 14.70 -19.03 -24.96
CA ARG A 259 14.85 -17.99 -23.95
C ARG A 259 14.09 -18.34 -22.68
N PRO A 260 14.63 -18.02 -21.47
CA PRO A 260 13.86 -18.28 -20.25
C PRO A 260 12.63 -17.35 -20.16
N ARG A 261 11.76 -17.65 -19.19
CA ARG A 261 10.58 -16.85 -18.90
C ARG A 261 10.93 -16.01 -17.68
N PHE A 262 10.12 -14.99 -17.37
CA PHE A 262 10.40 -14.07 -16.25
C PHE A 262 10.32 -14.73 -14.87
N THR A 263 9.57 -15.81 -14.71
CA THR A 263 9.56 -16.54 -13.42
C THR A 263 10.99 -17.08 -13.11
N GLU A 264 11.71 -17.63 -14.12
CA GLU A 264 13.09 -18.16 -14.03
C GLU A 264 14.05 -17.01 -13.71
N LEU A 265 13.92 -15.89 -14.48
CA LEU A 265 14.78 -14.72 -14.33
C LEU A 265 14.68 -14.12 -12.95
N LYS A 266 13.45 -13.98 -12.43
CA LYS A 266 13.11 -13.46 -11.10
C LYS A 266 13.76 -14.29 -10.01
N ALA A 267 13.71 -15.62 -10.14
CA ALA A 267 14.29 -16.56 -9.17
C ALA A 267 15.82 -16.54 -9.18
N GLN A 268 16.43 -16.48 -10.36
CA GLN A 268 17.89 -16.45 -10.47
C GLN A 268 18.50 -15.11 -10.05
N LEU A 269 17.77 -13.99 -10.30
CA LEU A 269 18.19 -12.65 -9.89
C LEU A 269 18.13 -12.53 -8.36
N SER A 270 17.13 -13.18 -7.74
CA SER A 270 16.92 -13.27 -6.28
C SER A 270 18.13 -13.98 -5.66
N THR A 271 18.56 -15.10 -6.28
CA THR A 271 19.70 -15.89 -5.83
C THR A 271 20.99 -15.09 -5.97
N ILE A 272 21.19 -14.40 -7.12
CA ILE A 272 22.36 -13.58 -7.39
C ILE A 272 22.44 -12.41 -6.38
N LEU A 273 21.29 -11.81 -6.05
CA LEU A 273 21.12 -10.72 -5.08
C LEU A 273 21.52 -11.15 -3.66
N GLU A 274 21.16 -12.37 -3.24
CA GLU A 274 21.51 -12.91 -1.92
C GLU A 274 22.99 -13.24 -1.83
N GLU A 275 23.60 -13.71 -2.95
CA GLU A 275 25.04 -14.02 -3.05
C GLU A 275 25.88 -12.74 -2.94
N GLU A 276 25.33 -11.60 -3.41
CA GLU A 276 25.99 -10.30 -3.33
C GLU A 276 25.80 -9.69 -1.93
N LYS A 277 24.58 -9.81 -1.35
CA LYS A 277 24.26 -9.32 -0.01
C LYS A 277 25.03 -10.09 1.07
N ALA A 278 25.27 -11.39 0.82
CA ALA A 278 26.10 -12.25 1.68
C ALA A 278 27.45 -12.32 0.94
N GLN A 279 28.12 -11.14 0.86
CA GLN A 279 29.40 -10.77 0.22
C GLN A 279 30.07 -11.87 -0.62
N ASP B 7 14.00 -5.41 9.72
CA ASP B 7 14.00 -4.80 11.07
C ASP B 7 13.15 -5.60 12.08
N TYR B 8 11.93 -5.99 11.67
CA TYR B 8 11.01 -6.78 12.48
C TYR B 8 10.98 -8.26 12.05
N GLU B 9 11.81 -8.65 11.07
CA GLU B 9 11.87 -10.03 10.57
C GLU B 9 12.27 -11.02 11.68
N ILE B 10 11.52 -12.13 11.76
CA ILE B 10 11.68 -13.25 12.71
C ILE B 10 11.90 -14.56 11.93
N GLN B 11 12.69 -15.48 12.52
CA GLN B 11 12.93 -16.80 11.95
C GLN B 11 11.70 -17.68 12.24
N ARG B 12 11.18 -18.37 11.20
CA ARG B 12 9.99 -19.22 11.29
C ARG B 12 10.04 -20.28 12.41
N GLU B 13 11.22 -20.90 12.62
CA GLU B 13 11.47 -21.97 13.61
C GLU B 13 11.24 -21.52 15.05
N ARG B 14 11.19 -20.19 15.26
CA ARG B 14 10.97 -19.55 16.56
C ARG B 14 9.47 -19.34 16.85
N ILE B 15 8.61 -19.60 15.83
CA ILE B 15 7.14 -19.51 15.90
C ILE B 15 6.49 -20.92 15.86
N GLU B 16 5.66 -21.24 16.88
CA GLU B 16 4.92 -22.49 16.98
C GLU B 16 3.44 -22.19 16.64
N LEU B 17 3.00 -22.51 15.40
CA LEU B 17 1.64 -22.26 14.94
C LEU B 17 0.56 -23.13 15.60
N GLY B 18 -0.35 -22.51 16.36
CA GLY B 18 -1.45 -23.17 17.05
C GLY B 18 -2.78 -23.04 16.30
N ARG B 19 -3.91 -23.21 17.03
CA ARG B 19 -5.29 -23.18 16.54
C ARG B 19 -5.75 -21.86 15.91
N CYS B 20 -6.65 -21.96 14.91
CA CYS B 20 -7.25 -20.82 14.22
C CYS B 20 -8.18 -20.10 15.22
N ILE B 21 -7.97 -18.79 15.43
CA ILE B 21 -8.72 -17.95 16.36
C ILE B 21 -9.68 -16.97 15.65
N GLY B 22 -9.91 -17.20 14.35
CA GLY B 22 -10.75 -16.35 13.53
C GLY B 22 -10.15 -16.02 12.17
N GLU B 23 -10.95 -15.38 11.30
CA GLU B 23 -10.53 -15.01 9.96
C GLU B 23 -10.27 -13.51 9.85
N GLY B 24 -9.35 -13.16 8.96
CA GLY B 24 -8.95 -11.80 8.66
C GLY B 24 -9.16 -11.46 7.20
N GLN B 25 -8.80 -10.22 6.81
CA GLN B 25 -8.96 -9.73 5.44
C GLN B 25 -8.20 -10.54 4.37
N PHE B 26 -6.98 -11.06 4.69
CA PHE B 26 -6.14 -11.79 3.75
C PHE B 26 -6.00 -13.31 4.01
N GLY B 27 -6.64 -13.80 5.08
CA GLY B 27 -6.61 -15.20 5.49
C GLY B 27 -6.86 -15.39 6.97
N ASP B 28 -6.57 -16.58 7.48
CA ASP B 28 -6.78 -16.96 8.89
C ASP B 28 -5.84 -16.30 9.88
N VAL B 29 -6.34 -16.13 11.10
CA VAL B 29 -5.58 -15.63 12.24
C VAL B 29 -5.49 -16.83 13.17
N HIS B 30 -4.27 -17.18 13.58
CA HIS B 30 -4.02 -18.31 14.47
C HIS B 30 -3.43 -17.80 15.76
N GLN B 31 -3.46 -18.62 16.82
CA GLN B 31 -2.75 -18.28 18.04
C GLN B 31 -1.48 -19.13 18.00
N GLY B 32 -0.43 -18.70 18.67
CA GLY B 32 0.81 -19.45 18.67
C GLY B 32 1.79 -18.99 19.71
N ILE B 33 2.99 -19.54 19.64
CA ILE B 33 4.06 -19.22 20.58
C ILE B 33 5.24 -18.65 19.83
N TYR B 34 5.84 -17.59 20.40
CA TYR B 34 7.06 -16.97 19.91
C TYR B 34 8.16 -17.25 20.94
N MET B 35 9.23 -17.90 20.49
CA MET B 35 10.35 -18.25 21.35
C MET B 35 11.59 -17.45 21.03
N SER B 36 11.82 -16.42 21.85
CA SER B 36 12.93 -15.47 21.81
C SER B 36 13.78 -15.67 23.08
N PRO B 37 15.13 -15.54 23.03
CA PRO B 37 15.92 -15.75 24.26
C PRO B 37 16.05 -14.50 25.13
N PRO B 40 12.16 -15.72 26.98
CA PRO B 40 10.91 -16.35 27.44
C PRO B 40 9.84 -16.45 26.35
N ALA B 41 9.22 -17.66 26.22
CA ALA B 41 8.18 -17.98 25.24
C ALA B 41 6.89 -17.21 25.52
N LEU B 42 6.44 -16.43 24.53
CA LEU B 42 5.29 -15.53 24.59
C LEU B 42 4.14 -15.96 23.67
N ALA B 43 2.88 -15.71 24.13
CA ALA B 43 1.63 -16.03 23.44
C ALA B 43 1.35 -14.94 22.40
N VAL B 44 1.23 -15.36 21.14
CA VAL B 44 1.07 -14.44 20.01
C VAL B 44 -0.09 -14.78 19.06
N ALA B 45 -0.49 -13.79 18.25
CA ALA B 45 -1.48 -13.92 17.19
C ALA B 45 -0.68 -13.95 15.85
N ILE B 46 -0.97 -14.91 15.00
CA ILE B 46 -0.31 -15.06 13.70
C ILE B 46 -1.32 -14.82 12.58
N LYS B 47 -1.20 -13.67 11.92
CA LYS B 47 -2.03 -13.33 10.77
C LYS B 47 -1.31 -13.94 9.53
N THR B 48 -1.98 -14.90 8.86
CA THR B 48 -1.47 -15.59 7.67
C THR B 48 -2.05 -14.93 6.41
N CYS B 49 -1.41 -15.21 5.26
CA CYS B 49 -1.83 -14.64 3.99
C CYS B 49 -1.98 -15.74 2.93
N LYS B 50 -3.23 -15.89 2.48
CA LYS B 50 -3.71 -16.88 1.52
C LYS B 50 -3.13 -16.69 0.09
N ASN B 51 -3.26 -15.47 -0.49
CA ASN B 51 -2.78 -15.21 -1.86
C ASN B 51 -1.55 -14.30 -1.88
N CYS B 52 -0.57 -14.57 -1.00
CA CYS B 52 0.61 -13.73 -0.94
C CYS B 52 1.70 -14.06 -1.96
N THR B 53 1.36 -14.93 -2.93
CA THR B 53 2.25 -15.23 -4.07
C THR B 53 2.13 -14.05 -5.05
N SER B 54 0.99 -13.33 -5.00
CA SER B 54 0.69 -12.11 -5.74
C SER B 54 1.40 -10.95 -5.01
N ASP B 55 2.35 -10.30 -5.71
CA ASP B 55 3.17 -9.18 -5.22
C ASP B 55 2.35 -8.05 -4.62
N SER B 56 1.23 -7.64 -5.28
CA SER B 56 0.39 -6.52 -4.79
C SER B 56 -0.38 -6.89 -3.50
N VAL B 57 -0.81 -8.16 -3.39
CA VAL B 57 -1.51 -8.71 -2.23
C VAL B 57 -0.53 -8.76 -1.07
N ARG B 58 0.71 -9.25 -1.33
CA ARG B 58 1.82 -9.31 -0.37
C ARG B 58 2.15 -7.91 0.15
N GLU B 59 2.23 -6.91 -0.75
CA GLU B 59 2.51 -5.50 -0.43
C GLU B 59 1.43 -4.95 0.47
N LYS B 60 0.14 -5.15 0.08
CA LYS B 60 -1.02 -4.70 0.84
C LYS B 60 -1.09 -5.39 2.20
N PHE B 61 -0.69 -6.66 2.28
CA PHE B 61 -0.66 -7.43 3.51
C PHE B 61 0.44 -6.91 4.44
N LEU B 62 1.67 -6.70 3.92
CA LEU B 62 2.84 -6.24 4.68
C LEU B 62 2.79 -4.77 5.07
N GLN B 63 1.84 -4.04 4.48
CA GLN B 63 1.64 -2.63 4.80
C GLN B 63 1.11 -2.53 6.26
N GLU B 64 0.37 -3.54 6.74
CA GLU B 64 -0.12 -3.60 8.11
C GLU B 64 1.03 -3.52 9.11
N ALA B 65 2.13 -4.25 8.86
CA ALA B 65 3.33 -4.27 9.67
C ALA B 65 4.04 -2.90 9.66
N LEU B 66 4.15 -2.28 8.48
CA LEU B 66 4.76 -0.96 8.28
C LEU B 66 4.06 0.12 9.11
N THR B 67 2.71 0.11 9.12
CA THR B 67 1.87 1.05 9.84
C THR B 67 1.94 0.81 11.35
N MET B 68 1.85 -0.45 11.79
CA MET B 68 1.87 -0.82 13.20
C MET B 68 3.20 -0.55 13.88
N ARG B 69 4.33 -0.64 13.15
CA ARG B 69 5.67 -0.46 13.74
C ARG B 69 5.87 0.96 14.30
N GLN B 70 5.12 1.92 13.76
CA GLN B 70 5.14 3.34 14.11
C GLN B 70 4.61 3.60 15.50
N PHE B 71 3.75 2.69 16.01
CA PHE B 71 3.06 2.92 17.27
C PHE B 71 3.51 2.05 18.45
N ASP B 72 3.52 2.68 19.62
CA ASP B 72 3.86 2.07 20.90
C ASP B 72 2.98 2.71 21.98
N HIS B 73 1.90 2.02 22.34
CA HIS B 73 0.93 2.48 23.34
C HIS B 73 0.33 1.28 24.09
N PRO B 74 0.11 1.35 25.43
CA PRO B 74 -0.48 0.19 26.16
C PRO B 74 -1.89 -0.24 25.73
N HIS B 75 -2.63 0.63 25.01
CA HIS B 75 -3.98 0.31 24.58
C HIS B 75 -4.11 0.26 23.08
N ILE B 76 -2.99 -0.01 22.41
CA ILE B 76 -2.96 -0.23 20.97
C ILE B 76 -2.28 -1.56 20.79
N VAL B 77 -2.90 -2.45 19.98
CA VAL B 77 -2.32 -3.78 19.66
C VAL B 77 -0.87 -3.57 19.12
N LYS B 78 0.03 -4.38 19.59
CA LYS B 78 1.44 -4.35 19.27
C LYS B 78 1.87 -5.35 18.17
N LEU B 79 2.75 -4.90 17.29
CA LEU B 79 3.39 -5.71 16.27
C LEU B 79 4.62 -6.38 16.90
N ILE B 80 4.68 -7.72 16.87
CA ILE B 80 5.84 -8.46 17.39
C ILE B 80 6.92 -8.61 16.27
N GLY B 81 6.50 -8.94 15.05
CA GLY B 81 7.37 -9.09 13.89
C GLY B 81 6.69 -9.66 12.65
N VAL B 82 7.48 -9.95 11.59
CA VAL B 82 7.03 -10.53 10.32
C VAL B 82 7.94 -11.64 9.82
N ILE B 83 7.36 -12.52 9.00
CA ILE B 83 8.10 -13.54 8.26
C ILE B 83 7.72 -13.27 6.79
N THR B 84 8.66 -12.70 6.02
CA THR B 84 8.46 -12.23 4.63
C THR B 84 8.69 -13.35 3.60
N GLU B 85 9.22 -14.51 4.01
CA GLU B 85 9.37 -15.65 3.10
C GLU B 85 7.99 -16.31 2.98
N ASN B 86 7.64 -16.87 1.80
CA ASN B 86 6.35 -17.56 1.63
C ASN B 86 6.33 -18.90 2.41
N PRO B 87 5.30 -19.19 3.25
CA PRO B 87 4.08 -18.40 3.53
C PRO B 87 4.33 -17.17 4.44
N VAL B 88 3.90 -15.99 3.97
CA VAL B 88 4.08 -14.72 4.67
C VAL B 88 3.15 -14.63 5.90
N TRP B 89 3.74 -14.27 7.06
CA TRP B 89 3.06 -14.13 8.38
C TRP B 89 3.36 -12.79 9.05
N ILE B 90 2.38 -12.28 9.79
CA ILE B 90 2.52 -11.10 10.63
C ILE B 90 2.24 -11.57 12.06
N ILE B 91 3.17 -11.30 12.96
CA ILE B 91 3.11 -11.71 14.37
C ILE B 91 2.67 -10.54 15.23
N MET B 92 1.51 -10.70 15.89
CA MET B 92 0.89 -9.69 16.76
C MET B 92 0.88 -10.19 18.20
N GLU B 93 0.70 -9.24 19.10
CA GLU B 93 0.49 -9.47 20.52
C GLU B 93 -0.90 -10.12 20.62
N LEU B 94 -1.01 -11.18 21.42
CA LEU B 94 -2.29 -11.85 21.59
C LEU B 94 -3.17 -11.18 22.68
N CYS B 95 -4.45 -10.92 22.35
CA CYS B 95 -5.50 -10.41 23.23
C CYS B 95 -6.42 -11.61 23.41
N THR B 96 -6.20 -12.38 24.50
CA THR B 96 -6.85 -13.66 24.83
C THR B 96 -8.37 -13.63 24.98
N LEU B 97 -8.95 -12.52 25.46
CA LEU B 97 -10.40 -12.48 25.67
C LEU B 97 -11.19 -12.09 24.42
N GLY B 98 -10.47 -11.91 23.31
CA GLY B 98 -11.02 -11.65 21.97
C GLY B 98 -11.72 -10.32 21.78
N GLU B 99 -12.61 -10.30 20.79
CA GLU B 99 -13.42 -9.15 20.34
C GLU B 99 -14.30 -8.58 21.43
N LEU B 100 -14.26 -7.23 21.57
CA LEU B 100 -15.02 -6.48 22.55
C LEU B 100 -16.53 -6.71 22.46
N ARG B 101 -17.09 -6.73 21.24
CA ARG B 101 -18.53 -6.93 21.01
C ARG B 101 -19.05 -8.19 21.66
N SER B 102 -18.41 -9.36 21.38
CA SER B 102 -18.81 -10.65 21.97
C SER B 102 -18.63 -10.60 23.49
N PHE B 103 -17.48 -10.06 23.95
CA PHE B 103 -17.14 -9.93 25.36
C PHE B 103 -18.25 -9.20 26.12
N LEU B 104 -18.71 -8.06 25.58
CA LEU B 104 -19.77 -7.23 26.14
C LEU B 104 -21.12 -7.92 26.12
N GLN B 105 -21.48 -8.62 25.01
CA GLN B 105 -22.72 -9.38 24.86
C GLN B 105 -22.80 -10.52 25.87
N VAL B 106 -21.76 -11.37 25.94
CA VAL B 106 -21.64 -12.51 26.87
C VAL B 106 -21.70 -12.03 28.35
N ARG B 107 -21.15 -10.85 28.65
CA ARG B 107 -21.13 -10.24 29.98
C ARG B 107 -22.12 -9.06 30.17
N LYS B 108 -23.19 -9.00 29.34
CA LYS B 108 -24.25 -7.96 29.38
C LYS B 108 -24.86 -7.75 30.79
N TYR B 109 -25.02 -8.83 31.57
CA TYR B 109 -25.63 -8.76 32.91
C TYR B 109 -24.60 -8.72 34.05
N SER B 110 -23.33 -9.05 33.77
CA SER B 110 -22.28 -9.03 34.80
C SER B 110 -21.53 -7.68 34.90
N LEU B 111 -20.90 -7.22 33.78
CA LEU B 111 -20.11 -5.98 33.70
C LEU B 111 -20.83 -4.76 34.23
N ASP B 112 -20.20 -4.08 35.18
CA ASP B 112 -20.74 -2.88 35.80
C ASP B 112 -20.44 -1.66 34.93
N LEU B 113 -21.13 -0.54 35.20
CA LEU B 113 -20.98 0.74 34.50
C LEU B 113 -19.51 1.22 34.53
N ALA B 114 -18.83 1.07 35.69
CA ALA B 114 -17.43 1.45 35.94
C ALA B 114 -16.44 0.76 35.00
N SER B 115 -16.75 -0.47 34.55
CA SER B 115 -15.91 -1.23 33.62
C SER B 115 -16.10 -0.69 32.19
N LEU B 116 -17.38 -0.39 31.79
CA LEU B 116 -17.73 0.15 30.47
C LEU B 116 -17.08 1.52 30.23
N ILE B 117 -17.08 2.41 31.27
CA ILE B 117 -16.45 3.74 31.23
C ILE B 117 -14.94 3.56 31.15
N LEU B 118 -14.39 2.57 31.87
CA LEU B 118 -12.96 2.24 31.82
C LEU B 118 -12.54 1.90 30.39
N TYR B 119 -13.35 1.10 29.68
CA TYR B 119 -13.04 0.73 28.29
C TYR B 119 -13.07 1.95 27.37
N ALA B 120 -14.10 2.82 27.53
CA ALA B 120 -14.21 4.06 26.73
C ALA B 120 -13.02 4.98 27.00
N TYR B 121 -12.64 5.12 28.27
CA TYR B 121 -11.49 5.93 28.67
C TYR B 121 -10.15 5.41 28.07
N GLN B 122 -9.89 4.11 28.18
CA GLN B 122 -8.69 3.44 27.66
C GLN B 122 -8.58 3.64 26.15
N LEU B 123 -9.71 3.52 25.43
CA LEU B 123 -9.76 3.78 23.98
C LEU B 123 -9.44 5.25 23.64
N SER B 124 -9.99 6.22 24.42
CA SER B 124 -9.69 7.66 24.26
C SER B 124 -8.21 7.95 24.46
N THR B 125 -7.52 7.22 25.40
CA THR B 125 -6.06 7.41 25.58
C THR B 125 -5.29 6.90 24.34
N ALA B 126 -5.75 5.79 23.74
CA ALA B 126 -5.18 5.18 22.52
C ALA B 126 -5.34 6.14 21.33
N LEU B 127 -6.52 6.77 21.24
CA LEU B 127 -6.86 7.72 20.19
C LEU B 127 -6.20 9.06 20.36
N ALA B 128 -5.95 9.51 21.63
CA ALA B 128 -5.18 10.74 21.90
C ALA B 128 -3.73 10.55 21.43
N TYR B 129 -3.19 9.34 21.59
CA TYR B 129 -1.86 8.98 21.14
C TYR B 129 -1.78 8.96 19.60
N LEU B 130 -2.78 8.41 18.90
CA LEU B 130 -2.82 8.40 17.44
C LEU B 130 -2.92 9.78 16.85
N GLU B 131 -3.82 10.62 17.42
CA GLU B 131 -3.99 12.03 17.06
C GLU B 131 -2.66 12.79 17.34
N SER B 132 -1.92 12.46 18.42
CA SER B 132 -0.62 13.08 18.71
C SER B 132 0.43 12.85 17.59
N LYS B 133 0.27 11.72 16.86
CA LYS B 133 1.11 11.27 15.75
C LYS B 133 0.54 11.74 14.41
N ARG B 134 -0.60 12.46 14.42
CA ARG B 134 -1.32 12.97 13.23
C ARG B 134 -1.80 11.80 12.31
N PHE B 135 -2.18 10.70 12.95
CA PHE B 135 -2.69 9.48 12.34
C PHE B 135 -4.21 9.42 12.52
N VAL B 136 -4.93 9.26 11.40
CA VAL B 136 -6.39 9.17 11.30
C VAL B 136 -6.72 7.68 11.13
N HIS B 137 -7.47 7.09 12.07
CA HIS B 137 -7.82 5.66 12.11
C HIS B 137 -8.80 5.29 11.01
N ARG B 138 -9.82 6.13 10.78
CA ARG B 138 -10.88 6.00 9.75
C ARG B 138 -11.92 4.89 10.03
N ASP B 139 -11.71 4.04 11.06
CA ASP B 139 -12.65 2.96 11.32
C ASP B 139 -12.79 2.63 12.82
N ILE B 140 -13.19 3.62 13.62
CA ILE B 140 -13.38 3.43 15.06
C ILE B 140 -14.76 2.84 15.31
N ALA B 141 -14.78 1.61 15.81
CA ALA B 141 -15.98 0.81 16.06
C ALA B 141 -15.58 -0.26 17.07
N ALA B 142 -16.56 -0.76 17.86
CA ALA B 142 -16.30 -1.77 18.88
C ALA B 142 -15.74 -3.07 18.27
N ARG B 143 -16.07 -3.36 16.99
CA ARG B 143 -15.56 -4.53 16.27
C ARG B 143 -14.03 -4.49 16.05
N ASN B 144 -13.41 -3.30 16.25
CA ASN B 144 -11.99 -3.09 16.06
C ASN B 144 -11.23 -3.01 17.36
N VAL B 145 -11.90 -3.41 18.44
CA VAL B 145 -11.33 -3.42 19.78
C VAL B 145 -11.24 -4.87 20.29
N LEU B 146 -10.09 -5.21 20.91
CA LEU B 146 -9.84 -6.50 21.51
C LEU B 146 -9.70 -6.35 23.01
N VAL B 147 -9.93 -7.43 23.74
CA VAL B 147 -9.89 -7.47 25.19
C VAL B 147 -8.67 -8.31 25.62
N SER B 148 -7.64 -7.66 26.20
CA SER B 148 -6.43 -8.32 26.70
C SER B 148 -6.74 -9.00 28.03
N SER B 149 -7.47 -8.29 28.90
CA SER B 149 -7.94 -8.74 30.23
C SER B 149 -9.24 -8.02 30.57
N ASN B 150 -9.90 -8.39 31.68
CA ASN B 150 -11.15 -7.78 32.13
C ASN B 150 -11.02 -6.26 32.39
N ASP B 151 -9.81 -5.81 32.75
CA ASP B 151 -9.53 -4.41 33.01
C ASP B 151 -8.67 -3.76 31.89
N CYS B 152 -8.57 -4.38 30.68
CA CYS B 152 -7.73 -3.82 29.61
C CYS B 152 -8.19 -4.19 28.19
N VAL B 153 -8.54 -3.15 27.43
CA VAL B 153 -8.91 -3.21 26.01
C VAL B 153 -7.80 -2.60 25.14
N LYS B 154 -7.71 -3.06 23.88
CA LYS B 154 -6.71 -2.60 22.89
C LYS B 154 -7.38 -2.25 21.60
N LEU B 155 -6.96 -1.15 21.00
CA LEU B 155 -7.43 -0.69 19.70
C LEU B 155 -6.60 -1.36 18.61
N GLY B 156 -7.32 -1.90 17.65
CA GLY B 156 -6.80 -2.52 16.44
C GLY B 156 -7.54 -2.04 15.22
N ASP B 157 -7.35 -2.74 14.12
CA ASP B 157 -8.01 -2.48 12.83
C ASP B 157 -8.08 -3.81 12.09
N PHE B 158 -9.27 -4.46 12.04
CA PHE B 158 -9.39 -5.77 11.37
C PHE B 158 -10.13 -5.68 10.01
N GLY B 159 -10.24 -4.47 9.48
CA GLY B 159 -10.90 -4.20 8.21
C GLY B 159 -9.97 -3.56 7.19
N LEU B 177 -18.22 -0.26 3.47
CA LEU B 177 -18.16 1.03 4.18
C LEU B 177 -19.04 1.04 5.45
N PRO B 178 -18.50 1.47 6.62
CA PRO B 178 -19.30 1.47 7.86
C PRO B 178 -20.09 2.78 8.09
N ILE B 179 -21.04 3.05 7.20
CA ILE B 179 -21.92 4.22 7.15
C ILE B 179 -22.54 4.61 8.53
N LYS B 180 -22.99 3.62 9.33
CA LYS B 180 -23.65 3.80 10.62
C LYS B 180 -22.75 4.31 11.73
N TRP B 181 -21.44 4.35 11.47
CA TRP B 181 -20.41 4.83 12.40
C TRP B 181 -19.84 6.13 11.91
N MET B 182 -20.02 6.42 10.62
CA MET B 182 -19.38 7.51 9.89
C MET B 182 -19.96 8.91 10.10
N ALA B 183 -19.05 9.90 10.15
CA ALA B 183 -19.38 11.33 10.26
C ALA B 183 -20.07 11.76 8.96
N PRO B 184 -21.02 12.72 9.00
CA PRO B 184 -21.70 13.16 7.76
C PRO B 184 -20.78 13.56 6.60
N GLU B 185 -19.64 14.22 6.89
CA GLU B 185 -18.66 14.65 5.85
C GLU B 185 -17.92 13.44 5.22
N SER B 186 -17.85 12.31 5.95
CA SER B 186 -17.24 11.08 5.45
C SER B 186 -18.23 10.42 4.50
N ILE B 187 -19.52 10.43 4.88
CA ILE B 187 -20.58 9.86 4.06
C ILE B 187 -20.72 10.72 2.77
N ASN B 188 -21.01 12.02 2.92
CA ASN B 188 -21.24 12.97 1.83
C ASN B 188 -20.03 13.25 0.93
N PHE B 189 -18.84 13.45 1.51
CA PHE B 189 -17.69 13.87 0.70
C PHE B 189 -16.45 12.97 0.81
N ARG B 190 -16.56 11.81 1.47
CA ARG B 190 -15.45 10.89 1.71
C ARG B 190 -14.27 11.61 2.44
N ARG B 191 -14.61 12.57 3.33
CA ARG B 191 -13.62 13.30 4.13
C ARG B 191 -13.34 12.61 5.48
N PHE B 192 -12.12 12.12 5.64
CA PHE B 192 -11.67 11.45 6.86
C PHE B 192 -10.60 12.27 7.51
N THR B 193 -10.91 12.77 8.75
CA THR B 193 -10.03 13.64 9.54
C THR B 193 -10.09 13.24 11.01
N SER B 194 -9.33 13.96 11.85
CA SER B 194 -9.30 13.79 13.29
C SER B 194 -10.71 14.03 13.88
N ALA B 195 -11.49 14.94 13.24
CA ALA B 195 -12.86 15.28 13.67
C ALA B 195 -13.85 14.17 13.29
N SER B 196 -13.64 13.49 12.14
CA SER B 196 -14.50 12.35 11.78
C SER B 196 -14.20 11.16 12.70
N ASP B 197 -12.93 11.02 13.17
CA ASP B 197 -12.51 9.99 14.13
C ASP B 197 -13.25 10.14 15.47
N VAL B 198 -13.41 11.40 15.94
CA VAL B 198 -14.13 11.76 17.17
C VAL B 198 -15.60 11.36 17.07
N TRP B 199 -16.23 11.60 15.88
CA TRP B 199 -17.62 11.19 15.62
C TRP B 199 -17.75 9.65 15.82
N MET B 200 -16.86 8.85 15.17
CA MET B 200 -16.83 7.38 15.25
C MET B 200 -16.63 6.91 16.66
N PHE B 201 -15.76 7.63 17.41
CA PHE B 201 -15.50 7.33 18.82
C PHE B 201 -16.78 7.44 19.68
N GLY B 202 -17.61 8.46 19.41
CA GLY B 202 -18.89 8.66 20.06
C GLY B 202 -19.81 7.47 19.83
N VAL B 203 -19.86 6.94 18.59
CA VAL B 203 -20.64 5.75 18.19
C VAL B 203 -20.10 4.51 18.92
N CYS B 204 -18.77 4.37 18.98
CA CYS B 204 -18.08 3.29 19.67
C CYS B 204 -18.42 3.32 21.17
N MET B 205 -18.44 4.52 21.78
CA MET B 205 -18.81 4.75 23.17
C MET B 205 -20.25 4.31 23.41
N TRP B 206 -21.18 4.66 22.48
CA TRP B 206 -22.58 4.23 22.51
C TRP B 206 -22.67 2.66 22.47
N GLU B 207 -21.88 2.01 21.59
CA GLU B 207 -21.83 0.54 21.46
C GLU B 207 -21.43 -0.11 22.79
N ILE B 208 -20.37 0.41 23.46
CA ILE B 208 -19.88 -0.12 24.72
C ILE B 208 -20.97 -0.08 25.80
N LEU B 209 -21.64 1.06 25.94
CA LEU B 209 -22.71 1.25 26.92
C LEU B 209 -23.99 0.51 26.54
N MET B 210 -24.13 0.10 25.27
CA MET B 210 -25.25 -0.70 24.77
C MET B 210 -24.88 -2.18 24.78
N HIS B 211 -23.71 -2.52 25.39
CA HIS B 211 -23.15 -3.88 25.53
C HIS B 211 -22.95 -4.61 24.21
N GLY B 212 -22.45 -3.88 23.22
CA GLY B 212 -22.15 -4.45 21.91
C GLY B 212 -23.32 -4.56 20.96
N VAL B 213 -24.35 -3.71 21.17
CA VAL B 213 -25.51 -3.65 20.28
C VAL B 213 -25.11 -2.68 19.17
N LYS B 214 -25.37 -3.07 17.92
CA LYS B 214 -25.03 -2.27 16.74
C LYS B 214 -25.92 -1.04 16.60
N PRO B 215 -25.33 0.13 16.21
CA PRO B 215 -26.15 1.35 16.03
C PRO B 215 -27.09 1.26 14.82
N PHE B 216 -28.23 1.99 14.86
CA PHE B 216 -29.25 2.05 13.81
C PHE B 216 -29.65 0.66 13.29
N GLN B 217 -30.08 -0.23 14.21
CA GLN B 217 -30.51 -1.57 13.86
C GLN B 217 -31.85 -1.51 13.12
N GLY B 218 -31.93 -2.26 12.02
CA GLY B 218 -33.12 -2.32 11.16
C GLY B 218 -33.33 -1.06 10.35
N VAL B 219 -32.22 -0.34 10.06
CA VAL B 219 -32.19 0.91 9.29
C VAL B 219 -31.23 0.71 8.10
N LYS B 220 -31.65 0.99 6.87
CA LYS B 220 -30.78 0.82 5.70
C LYS B 220 -29.75 1.96 5.67
N ASN B 221 -28.55 1.67 5.19
CA ASN B 221 -27.42 2.61 5.12
C ASN B 221 -27.70 3.92 4.38
N ASN B 222 -28.45 3.85 3.27
CA ASN B 222 -28.78 5.02 2.44
C ASN B 222 -29.71 6.03 3.15
N ASP B 223 -30.38 5.55 4.22
CA ASP B 223 -31.37 6.25 5.05
C ASP B 223 -30.74 7.00 6.24
N VAL B 224 -29.62 6.46 6.78
CA VAL B 224 -28.85 7.00 7.92
C VAL B 224 -28.46 8.48 7.72
N ILE B 225 -27.91 8.86 6.53
CA ILE B 225 -27.51 10.26 6.26
C ILE B 225 -28.74 11.23 6.39
N GLY B 226 -29.91 10.78 5.93
CA GLY B 226 -31.17 11.52 6.04
C GLY B 226 -31.53 11.82 7.50
N ARG B 227 -31.41 10.81 8.38
CA ARG B 227 -31.66 10.93 9.82
C ARG B 227 -30.63 11.85 10.50
N ILE B 228 -29.32 11.69 10.19
CA ILE B 228 -28.26 12.56 10.73
C ILE B 228 -28.57 14.04 10.36
N GLU B 229 -28.85 14.29 9.07
CA GLU B 229 -29.12 15.62 8.55
C GLU B 229 -30.46 16.20 9.04
N ASN B 230 -31.34 15.35 9.63
CA ASN B 230 -32.62 15.78 10.21
C ASN B 230 -32.47 16.05 11.74
N GLY B 231 -31.24 15.92 12.26
CA GLY B 231 -30.90 16.17 13.66
C GLY B 231 -30.94 14.97 14.57
N GLU B 232 -31.41 13.82 14.04
CA GLU B 232 -31.53 12.56 14.76
C GLU B 232 -30.16 11.97 15.14
N ARG B 233 -30.08 11.48 16.39
CA ARG B 233 -28.90 10.88 16.99
C ARG B 233 -29.29 9.60 17.72
N LEU B 234 -28.30 8.75 18.02
CA LEU B 234 -28.50 7.50 18.77
C LEU B 234 -29.07 7.84 20.15
N PRO B 235 -30.12 7.12 20.62
CA PRO B 235 -30.74 7.48 21.91
C PRO B 235 -29.84 7.27 23.12
N MET B 236 -30.17 7.88 24.28
CA MET B 236 -29.35 7.70 25.48
C MET B 236 -29.48 6.26 25.98
N PRO B 237 -28.35 5.52 26.03
CA PRO B 237 -28.41 4.11 26.50
C PRO B 237 -28.98 3.94 27.92
N PRO B 238 -29.71 2.84 28.22
CA PRO B 238 -30.21 2.66 29.59
C PRO B 238 -29.03 2.53 30.56
N ASN B 239 -29.13 3.28 31.69
CA ASN B 239 -28.16 3.38 32.78
C ASN B 239 -26.84 4.08 32.39
N CYS B 240 -26.85 4.87 31.29
CA CYS B 240 -25.71 5.69 30.87
C CYS B 240 -25.82 7.00 31.66
N PRO B 241 -24.75 7.47 32.36
CA PRO B 241 -24.86 8.75 33.10
C PRO B 241 -25.10 9.89 32.12
N PRO B 242 -26.06 10.81 32.39
CA PRO B 242 -26.36 11.90 31.44
C PRO B 242 -25.17 12.74 30.98
N THR B 243 -24.12 12.84 31.83
CA THR B 243 -22.86 13.57 31.57
C THR B 243 -22.10 12.87 30.42
N LEU B 244 -22.07 11.52 30.47
CA LEU B 244 -21.44 10.68 29.45
C LEU B 244 -22.19 10.83 28.12
N TYR B 245 -23.54 10.85 28.18
CA TYR B 245 -24.36 11.04 26.98
C TYR B 245 -24.18 12.45 26.39
N SER B 246 -23.97 13.47 27.24
CA SER B 246 -23.71 14.86 26.81
C SER B 246 -22.39 14.94 26.05
N LEU B 247 -21.41 14.09 26.43
CA LEU B 247 -20.10 13.98 25.80
C LEU B 247 -20.25 13.32 24.42
N MET B 248 -21.10 12.25 24.31
CA MET B 248 -21.36 11.58 23.02
C MET B 248 -21.98 12.55 22.02
N THR B 249 -23.01 13.33 22.44
CA THR B 249 -23.68 14.32 21.59
C THR B 249 -22.72 15.47 21.15
N LYS B 250 -21.63 15.76 21.91
CA LYS B 250 -20.60 16.73 21.50
C LYS B 250 -19.78 16.10 20.35
N CYS B 251 -19.52 14.77 20.42
CA CYS B 251 -18.81 13.98 19.39
C CYS B 251 -19.63 14.01 18.09
N TRP B 252 -20.98 14.09 18.22
CA TRP B 252 -21.92 14.09 17.10
C TRP B 252 -22.42 15.48 16.66
N ALA B 253 -21.57 16.51 16.85
CA ALA B 253 -21.84 17.86 16.38
C ALA B 253 -21.76 17.73 14.86
N TYR B 254 -22.77 18.23 14.15
CA TYR B 254 -22.78 18.15 12.69
C TYR B 254 -21.55 18.85 12.11
N ASP B 255 -21.24 20.04 12.65
CA ASP B 255 -20.06 20.84 12.28
C ASP B 255 -18.81 20.16 12.85
N PRO B 256 -17.88 19.66 12.00
CA PRO B 256 -16.69 18.99 12.53
C PRO B 256 -15.79 19.84 13.44
N SER B 257 -15.77 21.18 13.20
CA SER B 257 -14.97 22.14 13.96
C SER B 257 -15.46 22.36 15.40
N ARG B 258 -16.70 21.95 15.69
CA ARG B 258 -17.29 22.06 17.03
C ARG B 258 -17.07 20.77 17.82
N ARG B 259 -16.48 19.75 17.19
CA ARG B 259 -16.25 18.50 17.91
C ARG B 259 -15.02 18.60 18.81
N PRO B 260 -15.06 18.03 20.03
CA PRO B 260 -13.85 18.08 20.85
C PRO B 260 -12.70 17.24 20.26
N ARG B 261 -11.50 17.42 20.80
CA ARG B 261 -10.32 16.63 20.43
C ARG B 261 -10.17 15.55 21.49
N PHE B 262 -9.34 14.53 21.24
CA PHE B 262 -9.17 13.41 22.17
C PHE B 262 -8.53 13.75 23.51
N THR B 263 -7.74 14.83 23.59
CA THR B 263 -7.20 15.29 24.88
C THR B 263 -8.36 15.68 25.83
N GLU B 264 -9.39 16.39 25.31
CA GLU B 264 -10.59 16.84 26.04
C GLU B 264 -11.42 15.63 26.45
N LEU B 265 -11.65 14.69 25.49
CA LEU B 265 -12.44 13.48 25.72
C LEU B 265 -11.83 12.63 26.82
N LYS B 266 -10.50 12.43 26.77
CA LYS B 266 -9.71 11.65 27.73
C LYS B 266 -9.86 12.20 29.14
N ALA B 267 -9.81 13.55 29.29
CA ALA B 267 -9.94 14.23 30.56
C ALA B 267 -11.36 14.16 31.13
N GLN B 268 -12.38 14.33 30.27
CA GLN B 268 -13.76 14.25 30.71
C GLN B 268 -14.22 12.81 31.03
N LEU B 269 -13.69 11.81 30.31
CA LEU B 269 -13.97 10.39 30.57
C LEU B 269 -13.35 9.96 31.91
N SER B 270 -12.17 10.52 32.24
CA SER B 270 -11.43 10.32 33.50
C SER B 270 -12.30 10.86 34.65
N THR B 271 -12.89 12.05 34.48
CA THR B 271 -13.78 12.68 35.46
C THR B 271 -15.05 11.85 35.66
N ILE B 272 -15.73 11.41 34.56
CA ILE B 272 -16.95 10.58 34.61
C ILE B 272 -16.64 9.24 35.32
N LEU B 273 -15.45 8.68 35.07
CA LEU B 273 -15.01 7.43 35.69
C LEU B 273 -14.89 7.58 37.19
N GLU B 274 -14.25 8.67 37.66
CA GLU B 274 -14.07 8.92 39.09
C GLU B 274 -15.40 9.13 39.80
N GLU B 275 -16.36 9.78 39.13
CA GLU B 275 -17.72 10.00 39.65
C GLU B 275 -18.48 8.66 39.80
N GLU B 276 -18.17 7.67 38.94
CA GLU B 276 -18.77 6.33 39.02
C GLU B 276 -18.06 5.48 40.09
N LYS B 277 -16.71 5.58 40.16
CA LYS B 277 -15.90 4.86 41.14
C LYS B 277 -16.19 5.35 42.57
N ALA B 278 -16.65 6.62 42.71
CA ALA B 278 -17.04 7.22 43.99
C ALA B 278 -18.55 6.97 44.28
N GLN B 279 -19.27 6.38 43.29
CA GLN B 279 -20.70 6.01 43.26
C GLN B 279 -21.61 7.19 42.87
N1 KAO C . 1.90 2.77 -20.30
C2 KAO C . 2.45 3.43 -19.21
C3 KAO C . 2.91 2.42 -18.41
C4 KAO C . 2.62 1.21 -19.05
N5 KAO C . 2.00 1.41 -20.21
N6 KAO C . 2.50 4.79 -19.04
C7 KAO C . 3.36 5.43 -18.17
C8 KAO C . 2.92 -0.21 -18.59
C9 KAO C . 4.35 -0.28 -18.07
C10 KAO C . 1.96 -0.59 -17.46
C11 KAO C . 2.75 -1.18 -19.74
C12 KAO C . 1.29 3.35 -21.45
C13 KAO C . 0.05 2.91 -21.87
C14 KAO C . -0.53 3.42 -23.01
C15 KAO C . 0.11 4.41 -23.75
C16 KAO C . 1.35 4.85 -23.32
C17 KAO C . 1.94 4.32 -22.18
C18 KAO C . -0.51 4.96 -25.01
O19 KAO C . 4.31 4.84 -17.68
N20 KAO C . 3.07 6.74 -17.92
C21 KAO C . 3.76 7.59 -17.02
C22 KAO C . 4.17 8.85 -17.41
C23 KAO C . 4.88 9.65 -16.54
C24 KAO C . 5.19 9.22 -15.25
C25 KAO C . 4.74 7.96 -14.87
C26 KAO C . 4.04 7.15 -15.74
C27 KAO C . 6.00 10.06 -14.34
C28 KAO C . 6.80 11.08 -14.81
C29 KAO C . 7.57 11.81 -13.94
C30 KAO C . 7.54 11.50 -12.61
N31 KAO C . 6.77 10.54 -12.10
C32 KAO C . 6.02 9.83 -12.96
S SO4 D . 3.34 -17.07 -24.94
O1 SO4 D . 3.41 -18.48 -25.26
O2 SO4 D . 3.62 -16.94 -23.55
O3 SO4 D . 4.33 -16.30 -25.68
O4 SO4 D . 2.00 -16.60 -25.19
N1 KAO E . -3.72 -1.75 11.85
C2 KAO E . -3.80 -2.67 12.90
C3 KAO E . -3.77 -1.89 14.02
C4 KAO E . -3.70 -0.56 13.61
N5 KAO E . -3.67 -0.45 12.29
N6 KAO E . -3.88 -4.04 12.73
C7 KAO E . -4.42 -4.90 13.66
C8 KAO E . -3.65 0.69 14.48
C9 KAO E . -4.46 0.46 15.75
C10 KAO E . -2.20 0.99 14.86
C11 KAO E . -4.23 1.87 13.72
C12 KAO E . -3.68 -2.00 10.45
C13 KAO E . -2.84 -1.27 9.64
C14 KAO E . -2.80 -1.51 8.28
C15 KAO E . -3.59 -2.49 7.70
C16 KAO E . -4.43 -3.22 8.52
C17 KAO E . -4.49 -2.97 9.88
C18 KAO E . -3.54 -2.75 6.22
O19 KAO E . -5.17 -4.49 14.54
N20 KAO E . -4.06 -6.21 13.53
C21 KAO E . -4.40 -7.27 14.41
C22 KAO E . -5.22 -8.30 13.99
C23 KAO E . -5.57 -9.31 14.88
C24 KAO E . -5.12 -9.31 16.19
C25 KAO E . -4.28 -8.27 16.58
C26 KAO E . -3.93 -7.26 15.71
C27 KAO E . -5.54 -10.35 17.15
C28 KAO E . -6.60 -11.21 16.86
C29 KAO E . -7.02 -12.14 17.78
C30 KAO E . -6.36 -12.20 18.99
N31 KAO E . -5.34 -11.40 19.31
C32 KAO E . -4.96 -10.51 18.40
#